data_3RTE
#
_entry.id   3RTE
#
_cell.length_a   122.441
_cell.length_b   122.441
_cell.length_c   155.050
_cell.angle_alpha   90.000
_cell.angle_beta   90.000
_cell.angle_gamma   90.000
#
_symmetry.space_group_name_H-M   'I 4 2 2'
#
loop_
_entity.id
_entity.type
_entity.pdbx_description
1 polymer 'Putative uncharacterized protein'
2 polymer 'Unknown peptide, probably from expression host'
3 non-polymer 'POTASSIUM ION'
4 non-polymer 'MAGNESIUM ION'
5 non-polymer 'NADP NICOTINAMIDE-ADENINE-DINUCLEOTIDE PHOSPHATE'
6 non-polymer "ADENOSINE-5'-TRIPHOSPHATE"
7 water water
#
loop_
_entity_poly.entity_id
_entity_poly.type
_entity_poly.pdbx_seq_one_letter_code
_entity_poly.pdbx_strand_id
1 'polypeptide(L)'
;MGSDKIHHHHHHMKEIDELTIKEYGVDSRILMERAGISVVLAMEEELGNLSDYRFLVLCGGGNNGGDGFVVARNLLGVVK
DVLVVFLGKKKTPDCEYNYGLYKKFGGKVVEQFEPSILNEFDVVVDAIFGTGLRGEITGEYAEIINLVNKSGKVVVSVDV
PSGIDSNTGKVLRTAVKADLTVTFGVPKIGHILFPGRDLTGKLKVANIGHPVHLINSINRYVITREMVRSLLPERPRDSH
KGTYGKVLIIAGSRLYSGAPVLSGMGSLKVGTGLVKLAVPFPQNLIATSRFPELISVPIDTEKGFFSLQNLQECLELSKD
VDVVAIGPGLGNNEHVREFVNEFLKTLEKPAVIDADAINVLDTSVLKERKSPAVLTPHPGEMARLVKKTVGDVKYNYELA
EEFAKENDCVLVLKSATTIVTDGEKTLFNITGNTGLSKGGSGDVLTGMIAGFIAQGLSPLEASTVSVYLHGFAAELFEQD
ERGLTASELLRLIPEAIRRLKE
;
A
2 'polypeptide(L)' PAWLFEA B
#
loop_
_chem_comp.id
_chem_comp.type
_chem_comp.name
_chem_comp.formula
ATP non-polymer ADENOSINE-5'-TRIPHOSPHATE 'C10 H16 N5 O13 P3'
K non-polymer 'POTASSIUM ION' 'K 1'
MG non-polymer 'MAGNESIUM ION' 'Mg 2'
NAP non-polymer 'NADP NICOTINAMIDE-ADENINE-DINUCLEOTIDE PHOSPHATE' 'C21 H28 N7 O17 P3'
#
# COMPACT_ATOMS: atom_id res chain seq x y z
N MET A 13 0.94 -17.48 6.88
CA MET A 13 1.75 -18.16 5.80
C MET A 13 2.64 -19.27 6.38
N LYS A 14 3.20 -19.02 7.56
CA LYS A 14 3.85 -20.07 8.33
C LYS A 14 2.82 -21.13 8.67
N GLU A 15 1.63 -20.71 9.10
CA GLU A 15 0.47 -21.60 9.27
C GLU A 15 0.17 -22.33 7.96
N ILE A 16 0.26 -21.60 6.86
CA ILE A 16 -0.10 -22.14 5.54
C ILE A 16 0.85 -23.25 5.12
N ASP A 17 2.16 -23.02 5.22
CA ASP A 17 3.13 -24.10 5.02
C ASP A 17 2.83 -25.29 5.96
N GLU A 18 2.66 -25.03 7.27
CA GLU A 18 2.45 -26.11 8.25
C GLU A 18 1.25 -26.95 7.89
N LEU A 19 0.16 -26.27 7.55
CA LEU A 19 -1.07 -26.94 7.23
C LEU A 19 -0.95 -27.77 5.94
N THR A 20 -0.24 -27.24 4.92
CA THR A 20 -0.08 -27.95 3.66
C THR A 20 0.77 -29.23 3.89
N ILE A 21 1.74 -29.15 4.79
CA ILE A 21 2.55 -30.32 5.10
C ILE A 21 1.76 -31.28 6.01
N LYS A 22 1.37 -30.79 7.16
CA LYS A 22 0.86 -31.67 8.20
C LYS A 22 -0.58 -32.14 7.96
N GLU A 23 -1.43 -31.29 7.37
CA GLU A 23 -2.81 -31.71 7.12
C GLU A 23 -3.09 -32.15 5.66
N TYR A 24 -2.52 -31.47 4.66
CA TYR A 24 -2.75 -31.86 3.28
C TYR A 24 -1.75 -32.95 2.93
N GLY A 25 -0.64 -33.01 3.63
CA GLY A 25 0.30 -34.11 3.39
C GLY A 25 1.31 -33.92 2.29
N VAL A 26 1.52 -32.69 1.85
CA VAL A 26 2.61 -32.38 0.92
C VAL A 26 3.94 -32.41 1.70
N ASP A 27 4.85 -33.27 1.28
CA ASP A 27 6.17 -33.36 1.90
C ASP A 27 6.88 -32.02 1.90
N SER A 28 7.50 -31.63 3.03
CA SER A 28 8.17 -30.31 3.08
C SER A 28 9.22 -30.17 1.94
N ARG A 29 9.82 -31.27 1.53
CA ARG A 29 10.84 -31.23 0.52
C ARG A 29 10.32 -30.83 -0.86
N ILE A 30 9.09 -31.25 -1.16
CA ILE A 30 8.38 -30.90 -2.38
C ILE A 30 8.11 -29.39 -2.42
N LEU A 31 7.72 -28.79 -1.27
CA LEU A 31 7.50 -27.34 -1.24
C LEU A 31 8.82 -26.64 -1.46
N MET A 32 9.89 -27.20 -0.91
CA MET A 32 11.18 -26.56 -1.01
C MET A 32 11.69 -26.65 -2.47
N GLU A 33 11.48 -27.79 -3.10
CA GLU A 33 11.87 -27.94 -4.50
C GLU A 33 11.08 -26.97 -5.37
N ARG A 34 9.76 -26.94 -5.21
CA ARG A 34 8.94 -25.99 -5.96
C ARG A 34 9.42 -24.54 -5.74
N ALA A 35 9.83 -24.19 -4.50
CA ALA A 35 10.31 -22.85 -4.23
C ALA A 35 11.54 -22.55 -5.04
N GLY A 36 12.51 -23.45 -4.98
CA GLY A 36 13.78 -23.19 -5.64
C GLY A 36 13.64 -23.09 -7.15
N ILE A 37 12.89 -24.01 -7.75
CA ILE A 37 12.67 -23.89 -9.19
C ILE A 37 11.94 -22.61 -9.61
N SER A 38 11.04 -22.09 -8.78
CA SER A 38 10.40 -20.80 -9.03
C SER A 38 11.43 -19.72 -9.18
N VAL A 39 12.43 -19.74 -8.29
CA VAL A 39 13.45 -18.70 -8.30
C VAL A 39 14.22 -18.76 -9.67
N VAL A 40 14.56 -19.98 -10.12
CA VAL A 40 15.31 -20.16 -11.33
C VAL A 40 14.49 -19.63 -12.49
N LEU A 41 13.22 -20.01 -12.54
CA LEU A 41 12.38 -19.59 -13.68
C LEU A 41 12.18 -18.09 -13.69
N ALA A 42 12.06 -17.50 -12.51
CA ALA A 42 11.89 -16.04 -12.38
C ALA A 42 13.15 -15.31 -12.88
N MET A 43 14.31 -15.86 -12.53
CA MET A 43 15.59 -15.31 -12.97
C MET A 43 15.71 -15.35 -14.49
N GLU A 44 15.27 -16.44 -15.09
CA GLU A 44 15.21 -16.51 -16.57
C GLU A 44 14.33 -15.46 -17.24
N GLU A 45 13.12 -15.33 -16.74
CA GLU A 45 12.16 -14.33 -17.14
C GLU A 45 12.77 -12.94 -17.09
N GLU A 46 13.59 -12.68 -16.10
CA GLU A 46 14.13 -11.36 -15.86
C GLU A 46 15.50 -11.19 -16.52
N LEU A 47 16.30 -12.24 -16.64
CA LEU A 47 17.66 -12.12 -17.22
C LEU A 47 17.86 -12.73 -18.60
N GLY A 48 16.84 -13.41 -19.12
CA GLY A 48 17.02 -14.15 -20.34
C GLY A 48 17.76 -15.44 -20.01
N ASN A 49 18.33 -16.01 -21.04
CA ASN A 49 19.13 -17.20 -20.93
C ASN A 49 20.19 -17.08 -19.83
N LEU A 50 20.28 -18.10 -18.97
CA LEU A 50 21.15 -18.01 -17.82
C LEU A 50 22.53 -18.64 -18.09
N SER A 51 22.75 -19.21 -19.25
CA SER A 51 23.88 -20.14 -19.38
C SER A 51 25.25 -19.47 -19.34
N ASP A 52 25.30 -18.16 -19.60
CA ASP A 52 26.54 -17.43 -19.55
C ASP A 52 26.86 -16.74 -18.22
N TYR A 53 25.94 -16.80 -17.26
CA TYR A 53 26.16 -16.07 -16.00
C TYR A 53 26.84 -16.95 -14.95
N ARG A 54 27.59 -16.30 -14.07
CA ARG A 54 28.21 -16.95 -12.95
C ARG A 54 27.41 -16.59 -11.70
N PHE A 55 26.98 -17.58 -10.94
CA PHE A 55 26.13 -17.40 -9.73
C PHE A 55 26.82 -17.66 -8.37
N LEU A 56 26.69 -16.70 -7.45
CA LEU A 56 27.10 -16.84 -6.04
C LEU A 56 25.84 -16.91 -5.23
N VAL A 57 25.68 -18.05 -4.56
CA VAL A 57 24.46 -18.34 -3.84
C VAL A 57 24.90 -18.32 -2.34
N LEU A 58 24.28 -17.44 -1.59
CA LEU A 58 24.55 -17.29 -0.20
C LEU A 58 23.41 -17.92 0.59
N CYS A 59 23.74 -18.92 1.39
CA CYS A 59 22.77 -19.72 2.11
C CYS A 59 22.99 -19.65 3.59
N GLY A 60 21.91 -19.36 4.29
CA GLY A 60 21.86 -19.47 5.74
C GLY A 60 21.53 -20.91 6.12
N GLY A 61 21.47 -21.13 7.41
CA GLY A 61 21.25 -22.45 7.95
C GLY A 61 19.79 -22.90 8.07
N GLY A 62 18.86 -22.03 7.65
CA GLY A 62 17.43 -22.28 7.77
C GLY A 62 16.88 -22.74 6.44
N ASN A 63 15.57 -22.70 6.35
CA ASN A 63 14.90 -23.14 5.17
C ASN A 63 15.01 -22.11 4.02
N ASN A 64 15.33 -20.86 4.33
CA ASN A 64 15.60 -19.90 3.29
C ASN A 64 16.87 -20.39 2.57
N GLY A 65 17.85 -20.79 3.35
CA GLY A 65 19.06 -21.31 2.78
C GLY A 65 18.81 -22.60 2.05
N GLY A 66 17.89 -23.42 2.58
CA GLY A 66 17.56 -24.68 1.90
C GLY A 66 17.00 -24.38 0.50
N ASP A 67 16.11 -23.40 0.41
CA ASP A 67 15.63 -22.92 -0.87
C ASP A 67 16.84 -22.55 -1.75
N GLY A 68 17.81 -21.84 -1.19
CA GLY A 68 19.01 -21.48 -1.94
C GLY A 68 19.81 -22.67 -2.48
N PHE A 69 19.94 -23.73 -1.69
CA PHE A 69 20.59 -24.95 -2.19
C PHE A 69 19.84 -25.58 -3.34
N VAL A 70 18.52 -25.55 -3.29
CA VAL A 70 17.72 -26.07 -4.42
C VAL A 70 18.03 -25.26 -5.69
N VAL A 71 18.12 -23.94 -5.55
CA VAL A 71 18.49 -23.08 -6.68
C VAL A 71 19.85 -23.48 -7.24
N ALA A 72 20.85 -23.53 -6.36
CA ALA A 72 22.23 -23.78 -6.73
C ALA A 72 22.26 -25.11 -7.45
N ARG A 73 21.59 -26.10 -6.89
CA ARG A 73 21.65 -27.42 -7.48
C ARG A 73 21.04 -27.40 -8.87
N ASN A 74 19.90 -26.76 -9.04
CA ASN A 74 19.22 -26.70 -10.36
C ASN A 74 19.97 -25.90 -11.43
N LEU A 75 20.89 -25.01 -11.03
CA LEU A 75 21.80 -24.35 -11.97
C LEU A 75 23.05 -25.19 -12.41
N LEU A 76 23.41 -26.24 -11.67
CA LEU A 76 24.61 -27.00 -11.97
C LEU A 76 24.61 -27.60 -13.37
N GLY A 77 25.67 -27.35 -14.10
CA GLY A 77 25.83 -27.86 -15.42
C GLY A 77 25.06 -27.13 -16.51
N VAL A 78 24.34 -26.09 -16.14
CA VAL A 78 23.56 -25.29 -17.08
C VAL A 78 24.10 -23.88 -17.21
N VAL A 79 24.77 -23.36 -16.18
CA VAL A 79 25.30 -22.00 -16.21
C VAL A 79 26.81 -22.07 -16.13
N LYS A 80 27.48 -20.93 -16.25
CA LYS A 80 28.90 -20.90 -16.34
C LYS A 80 29.59 -21.31 -15.05
N ASP A 81 29.12 -20.81 -13.93
CA ASP A 81 29.67 -21.21 -12.65
C ASP A 81 28.62 -21.03 -11.55
N VAL A 82 28.69 -21.91 -10.56
CA VAL A 82 27.89 -21.81 -9.37
C VAL A 82 28.79 -22.05 -8.16
N LEU A 83 28.70 -21.18 -7.16
CA LEU A 83 29.36 -21.38 -5.89
C LEU A 83 28.36 -21.05 -4.77
N VAL A 84 28.26 -21.90 -3.76
CA VAL A 84 27.52 -21.61 -2.54
C VAL A 84 28.49 -21.21 -1.44
N VAL A 85 28.22 -20.08 -0.78
CA VAL A 85 28.87 -19.77 0.49
C VAL A 85 27.84 -20.07 1.59
N PHE A 86 28.09 -21.12 2.36
CA PHE A 86 27.20 -21.47 3.44
C PHE A 86 27.63 -20.65 4.71
N LEU A 87 26.73 -19.83 5.25
CA LEU A 87 27.05 -18.85 6.31
C LEU A 87 26.54 -19.22 7.68
N GLY A 88 25.79 -20.32 7.79
CA GLY A 88 25.26 -20.75 9.09
C GLY A 88 26.20 -21.68 9.85
N LYS A 89 25.73 -22.07 11.05
CA LYS A 89 26.48 -22.98 11.89
C LYS A 89 25.86 -24.34 11.98
N LYS A 90 24.69 -24.49 11.40
CA LYS A 90 23.96 -25.75 11.45
C LYS A 90 22.82 -25.62 10.43
N LYS A 91 22.16 -26.73 10.16
CA LYS A 91 21.22 -26.77 9.05
C LYS A 91 19.94 -27.39 9.50
N THR A 92 18.83 -26.83 9.05
CA THR A 92 17.57 -27.48 9.34
C THR A 92 17.52 -28.79 8.49
N PRO A 93 16.56 -29.66 8.78
CA PRO A 93 16.52 -30.93 8.00
C PRO A 93 16.34 -30.70 6.49
N ASP A 94 15.43 -29.84 6.09
CA ASP A 94 15.27 -29.57 4.67
C ASP A 94 16.50 -28.94 4.05
N CYS A 95 17.13 -27.99 4.74
CA CYS A 95 18.33 -27.37 4.23
C CYS A 95 19.44 -28.41 4.09
N GLU A 96 19.53 -29.29 5.07
CA GLU A 96 20.52 -30.35 5.09
C GLU A 96 20.32 -31.32 3.92
N TYR A 97 19.09 -31.71 3.65
CA TYR A 97 18.82 -32.62 2.55
C TYR A 97 19.24 -31.98 1.24
N ASN A 98 18.88 -30.73 1.07
CA ASN A 98 19.24 -30.00 -0.13
C ASN A 98 20.73 -29.69 -0.31
N TYR A 99 21.39 -29.43 0.81
CA TYR A 99 22.82 -29.26 0.82
C TYR A 99 23.48 -30.56 0.37
N GLY A 100 22.96 -31.67 0.86
CA GLY A 100 23.48 -32.96 0.47
C GLY A 100 23.28 -33.23 -1.00
N LEU A 101 22.12 -32.89 -1.53
CA LEU A 101 21.88 -33.05 -2.95
C LEU A 101 22.79 -32.18 -3.79
N TYR A 102 23.01 -30.94 -3.37
CA TYR A 102 23.85 -30.02 -4.13
C TYR A 102 25.24 -30.60 -4.22
N LYS A 103 25.74 -31.08 -3.11
CA LYS A 103 27.09 -31.70 -3.13
C LYS A 103 27.16 -32.99 -3.96
N LYS A 104 26.13 -33.85 -3.84
CA LYS A 104 26.07 -35.10 -4.59
C LYS A 104 26.01 -34.86 -6.07
N PHE A 105 25.41 -33.73 -6.46
CA PHE A 105 25.34 -33.37 -7.87
C PHE A 105 26.64 -32.69 -8.32
N GLY A 106 27.62 -32.54 -7.43
CA GLY A 106 28.95 -32.02 -7.77
C GLY A 106 29.17 -30.56 -7.42
N GLY A 107 28.32 -30.00 -6.57
CA GLY A 107 28.37 -28.58 -6.31
C GLY A 107 29.42 -28.23 -5.27
N LYS A 108 30.00 -27.06 -5.42
CA LYS A 108 31.04 -26.58 -4.48
C LYS A 108 30.42 -25.65 -3.43
N VAL A 109 30.68 -25.93 -2.16
CA VAL A 109 30.24 -25.05 -1.05
C VAL A 109 31.51 -24.59 -0.40
N VAL A 110 31.61 -23.32 -0.03
CA VAL A 110 32.68 -22.88 0.85
C VAL A 110 31.93 -22.30 2.04
N GLU A 111 32.62 -22.30 3.17
CA GLU A 111 32.13 -21.74 4.37
C GLU A 111 32.87 -20.47 4.74
N GLN A 112 33.94 -20.12 4.05
CA GLN A 112 34.58 -18.83 4.32
C GLN A 112 34.23 -17.86 3.20
N PHE A 113 33.77 -16.66 3.61
CA PHE A 113 33.43 -15.57 2.71
C PHE A 113 34.67 -14.68 2.55
N GLU A 114 34.90 -14.26 1.33
CA GLU A 114 36.10 -13.50 1.03
C GLU A 114 35.73 -12.25 0.24
N PRO A 115 36.04 -11.06 0.77
CA PRO A 115 35.67 -9.76 0.19
C PRO A 115 35.79 -9.67 -1.32
N SER A 116 36.79 -10.33 -1.89
CA SER A 116 37.01 -10.36 -3.33
C SER A 116 36.25 -11.44 -4.10
N ILE A 117 35.42 -12.23 -3.41
CA ILE A 117 34.73 -13.35 -4.05
C ILE A 117 33.71 -12.81 -5.05
N LEU A 118 33.06 -11.70 -4.68
CA LEU A 118 32.10 -11.02 -5.55
C LEU A 118 32.71 -10.74 -6.93
N ASN A 119 34.01 -10.48 -6.98
CA ASN A 119 34.75 -10.31 -8.25
C ASN A 119 34.34 -11.24 -9.39
N GLU A 120 34.36 -12.55 -9.13
CA GLU A 120 34.23 -13.57 -10.19
C GLU A 120 32.81 -14.06 -10.42
N PHE A 121 31.80 -13.31 -9.96
CA PHE A 121 30.40 -13.69 -10.15
C PHE A 121 29.57 -12.56 -10.72
N ASP A 122 28.46 -12.92 -11.39
CA ASP A 122 27.61 -11.93 -12.05
C ASP A 122 26.29 -11.70 -11.29
N VAL A 123 25.80 -12.76 -10.67
CA VAL A 123 24.53 -12.76 -9.99
C VAL A 123 24.76 -13.33 -8.61
N VAL A 124 24.24 -12.62 -7.62
CA VAL A 124 24.14 -13.07 -6.23
C VAL A 124 22.71 -13.49 -5.95
N VAL A 125 22.55 -14.73 -5.48
CA VAL A 125 21.29 -15.24 -5.04
C VAL A 125 21.32 -15.13 -3.53
N ASP A 126 20.50 -14.27 -2.96
CA ASP A 126 20.45 -14.03 -1.49
C ASP A 126 19.45 -14.98 -0.82
N ALA A 127 19.96 -16.09 -0.28
CA ALA A 127 19.17 -17.04 0.52
C ALA A 127 19.69 -17.11 1.95
N ILE A 128 20.07 -15.96 2.51
CA ILE A 128 20.61 -15.96 3.87
C ILE A 128 19.47 -16.05 4.93
N PHE A 129 18.61 -15.05 4.99
CA PHE A 129 17.39 -15.11 5.88
C PHE A 129 16.13 -14.78 5.10
N GLY A 130 15.05 -15.47 5.41
CA GLY A 130 13.72 -15.12 4.89
C GLY A 130 12.83 -14.61 6.02
N THR A 131 11.70 -15.28 6.22
CA THR A 131 10.74 -14.94 7.31
C THR A 131 11.20 -15.32 8.71
N GLY A 132 12.32 -16.05 8.83
CA GLY A 132 12.82 -16.51 10.13
C GLY A 132 13.81 -15.54 10.71
N LEU A 133 14.06 -14.42 10.03
CA LEU A 133 14.94 -13.42 10.56
C LEU A 133 14.40 -13.03 11.92
N ARG A 134 15.26 -12.98 12.92
CA ARG A 134 14.87 -12.50 14.25
C ARG A 134 16.03 -11.64 14.75
N GLY A 135 15.72 -10.39 15.03
CA GLY A 135 16.67 -9.51 15.63
C GLY A 135 17.65 -8.95 14.61
N GLU A 136 18.37 -7.93 15.05
CA GLU A 136 19.35 -7.22 14.25
C GLU A 136 20.39 -8.17 13.64
N ILE A 137 20.79 -7.89 12.41
CA ILE A 137 21.89 -8.59 11.76
C ILE A 137 23.25 -7.93 12.07
N THR A 138 24.18 -8.74 12.56
CA THR A 138 25.53 -8.31 12.89
C THR A 138 26.59 -9.25 12.33
N GLY A 139 27.84 -8.95 12.65
CA GLY A 139 28.95 -9.89 12.47
C GLY A 139 29.17 -10.19 11.01
N GLU A 140 29.57 -11.42 10.71
CA GLU A 140 29.87 -11.81 9.35
C GLU A 140 28.67 -11.50 8.50
N TYR A 141 27.50 -11.97 8.94
CA TYR A 141 26.27 -11.74 8.17
C TYR A 141 26.16 -10.28 7.66
N ALA A 142 26.24 -9.31 8.58
CA ALA A 142 26.20 -7.87 8.23
C ALA A 142 27.26 -7.50 7.17
N GLU A 143 28.48 -8.01 7.36
CA GLU A 143 29.59 -7.72 6.44
C GLU A 143 29.33 -8.21 5.07
N ILE A 144 28.81 -9.42 4.99
CA ILE A 144 28.56 -10.02 3.73
C ILE A 144 27.48 -9.21 3.01
N ILE A 145 26.41 -8.86 3.75
CA ILE A 145 25.31 -8.10 3.16
C ILE A 145 25.81 -6.73 2.67
N ASN A 146 26.71 -6.12 3.43
CA ASN A 146 27.20 -4.78 3.07
C ASN A 146 28.10 -4.88 1.83
N LEU A 147 28.88 -5.96 1.76
CA LEU A 147 29.66 -6.28 0.58
C LEU A 147 28.77 -6.47 -0.63
N VAL A 148 27.75 -7.34 -0.56
CA VAL A 148 26.83 -7.53 -1.67
C VAL A 148 26.26 -6.17 -2.17
N ASN A 149 25.81 -5.34 -1.22
CA ASN A 149 25.22 -4.04 -1.55
C ASN A 149 26.20 -3.04 -2.17
N LYS A 150 27.49 -3.21 -1.94
CA LYS A 150 28.44 -2.33 -2.60
C LYS A 150 28.89 -2.88 -3.93
N SER A 151 28.45 -4.08 -4.31
CA SER A 151 29.13 -4.80 -5.41
C SER A 151 28.70 -4.42 -6.82
N GLY A 152 27.52 -3.82 -6.96
CA GLY A 152 26.96 -3.58 -8.30
C GLY A 152 26.50 -4.81 -9.08
N LYS A 153 26.55 -5.97 -8.47
CA LYS A 153 26.07 -7.19 -9.15
C LYS A 153 24.54 -7.23 -9.15
N VAL A 154 23.99 -8.06 -10.02
CA VAL A 154 22.56 -8.44 -10.00
C VAL A 154 22.27 -9.26 -8.76
N VAL A 155 21.30 -8.81 -7.98
CA VAL A 155 20.91 -9.48 -6.74
C VAL A 155 19.49 -10.00 -6.81
N VAL A 156 19.38 -11.30 -6.56
CA VAL A 156 18.08 -11.95 -6.52
C VAL A 156 17.87 -12.48 -5.11
N SER A 157 16.83 -11.97 -4.43
CA SER A 157 16.48 -12.41 -3.08
C SER A 157 15.40 -13.51 -3.03
N VAL A 158 15.73 -14.55 -2.30
CA VAL A 158 14.86 -15.66 -2.04
C VAL A 158 13.94 -15.28 -0.89
N ASP A 159 12.65 -15.25 -1.21
CA ASP A 159 11.48 -14.96 -0.33
C ASP A 159 11.30 -13.47 0.09
N VAL A 160 12.32 -12.95 0.72
CA VAL A 160 12.37 -11.61 1.26
C VAL A 160 13.86 -11.23 1.29
N PRO A 161 14.20 -10.02 0.90
CA PRO A 161 15.60 -9.66 1.03
C PRO A 161 16.09 -9.77 2.47
N SER A 162 17.23 -10.41 2.69
CA SER A 162 17.68 -10.72 4.01
C SER A 162 17.94 -9.45 4.79
N GLY A 163 17.37 -9.37 5.99
CA GLY A 163 17.45 -8.20 6.80
C GLY A 163 16.16 -7.37 6.80
N ILE A 164 15.21 -7.66 5.91
CA ILE A 164 13.89 -7.08 6.03
C ILE A 164 13.02 -7.91 6.90
N ASP A 165 12.41 -7.30 7.90
CA ASP A 165 11.39 -7.98 8.71
C ASP A 165 10.14 -8.10 7.87
N SER A 166 9.76 -9.35 7.63
CA SER A 166 8.69 -9.63 6.72
C SER A 166 7.26 -9.30 7.24
N ASN A 167 7.15 -9.01 8.53
CA ASN A 167 5.89 -8.54 9.09
C ASN A 167 5.74 -7.05 9.12
N THR A 168 6.83 -6.31 8.96
CA THR A 168 6.75 -4.87 9.15
C THR A 168 7.35 -4.05 7.97
N GLY A 169 8.31 -4.63 7.26
CA GLY A 169 9.03 -3.93 6.25
C GLY A 169 10.19 -3.12 6.77
N LYS A 170 10.50 -3.24 8.05
CA LYS A 170 11.67 -2.55 8.63
C LYS A 170 12.96 -3.30 8.35
N VAL A 171 14.07 -2.54 8.32
CA VAL A 171 15.44 -3.06 8.12
C VAL A 171 15.99 -3.37 9.52
N LEU A 172 16.39 -4.62 9.76
CA LEU A 172 16.96 -5.00 11.06
C LEU A 172 18.52 -4.83 11.02
N ARG A 173 18.91 -3.56 11.17
CA ARG A 173 20.31 -3.04 11.11
C ARG A 173 20.86 -2.87 9.70
N THR A 174 20.85 -3.94 8.93
CA THR A 174 21.16 -3.82 7.50
C THR A 174 20.38 -4.91 6.75
N ALA A 175 20.24 -4.72 5.43
CA ALA A 175 19.48 -5.63 4.56
C ALA A 175 19.93 -5.51 3.16
N VAL A 176 19.76 -6.60 2.43
CA VAL A 176 20.12 -6.72 1.03
C VAL A 176 19.23 -5.85 0.20
N LYS A 177 19.81 -5.15 -0.76
CA LYS A 177 19.03 -4.43 -1.75
C LYS A 177 18.95 -5.27 -3.00
N ALA A 178 17.77 -5.82 -3.29
CA ALA A 178 17.54 -6.75 -4.42
C ALA A 178 17.09 -6.08 -5.72
N ASP A 179 17.56 -6.59 -6.85
CA ASP A 179 16.95 -6.28 -8.16
C ASP A 179 15.65 -7.05 -8.39
N LEU A 180 15.59 -8.27 -7.85
CA LEU A 180 14.45 -9.18 -8.01
C LEU A 180 14.28 -9.98 -6.71
N THR A 181 13.04 -10.02 -6.19
CA THR A 181 12.68 -10.83 -5.07
C THR A 181 11.61 -11.82 -5.52
N VAL A 182 11.85 -13.11 -5.23
CA VAL A 182 10.91 -14.16 -5.58
C VAL A 182 10.31 -14.65 -4.28
N THR A 183 9.01 -14.37 -4.06
CA THR A 183 8.36 -14.75 -2.80
C THR A 183 7.32 -15.90 -3.05
N PHE A 184 6.97 -16.61 -2.02
CA PHE A 184 6.20 -17.89 -2.21
C PHE A 184 4.76 -17.78 -1.68
N GLY A 185 3.79 -18.15 -2.50
CA GLY A 185 2.40 -18.10 -2.05
C GLY A 185 1.72 -16.74 -2.11
N VAL A 186 2.14 -15.80 -1.24
CA VAL A 186 1.50 -14.50 -1.16
C VAL A 186 2.62 -13.48 -0.90
N PRO A 187 2.41 -12.21 -1.31
CA PRO A 187 3.31 -11.13 -0.88
C PRO A 187 3.34 -11.02 0.66
N LYS A 188 4.49 -10.70 1.21
CA LYS A 188 4.59 -10.46 2.64
C LYS A 188 4.48 -8.96 2.86
N ILE A 189 4.01 -8.59 4.04
CA ILE A 189 3.82 -7.19 4.40
C ILE A 189 5.09 -6.40 4.21
N GLY A 190 6.23 -7.06 4.43
CA GLY A 190 7.53 -6.41 4.28
C GLY A 190 8.01 -6.13 2.86
N HIS A 191 7.36 -6.72 1.86
CA HIS A 191 7.49 -6.33 0.46
C HIS A 191 6.63 -5.10 0.18
N ILE A 192 5.62 -4.87 1.02
CA ILE A 192 4.58 -3.86 0.74
C ILE A 192 4.82 -2.53 1.40
N LEU A 193 5.28 -2.58 2.64
CA LEU A 193 5.59 -1.38 3.36
C LEU A 193 7.07 -1.04 3.19
N PHE A 194 7.38 0.25 3.27
CA PHE A 194 8.75 0.76 3.15
C PHE A 194 9.34 0.75 4.53
N PRO A 195 10.68 0.59 4.63
CA PRO A 195 11.63 0.55 3.51
C PRO A 195 11.71 -0.78 2.73
N GLY A 196 11.17 -1.85 3.29
CA GLY A 196 11.24 -3.15 2.63
C GLY A 196 10.77 -3.12 1.16
N ARG A 197 9.74 -2.35 0.87
CA ARG A 197 9.21 -2.31 -0.47
C ARG A 197 10.29 -1.81 -1.40
N ASP A 198 11.10 -0.88 -0.92
CA ASP A 198 12.18 -0.35 -1.75
C ASP A 198 13.31 -1.38 -1.96
N LEU A 199 13.57 -2.21 -0.98
CA LEU A 199 14.69 -3.13 -1.07
C LEU A 199 14.36 -4.39 -1.90
N THR A 200 13.07 -4.59 -2.15
CA THR A 200 12.52 -5.78 -2.77
C THR A 200 12.81 -5.76 -4.24
N GLY A 201 12.88 -4.55 -4.81
CA GLY A 201 13.05 -4.40 -6.21
C GLY A 201 11.80 -5.00 -6.82
N LYS A 202 11.97 -5.70 -7.94
CA LYS A 202 10.86 -6.23 -8.65
C LYS A 202 10.36 -7.47 -7.95
N LEU A 203 9.06 -7.55 -7.68
CA LEU A 203 8.58 -8.71 -6.91
C LEU A 203 7.81 -9.68 -7.77
N LYS A 204 8.17 -10.97 -7.72
CA LYS A 204 7.34 -12.02 -8.30
C LYS A 204 6.83 -12.92 -7.18
N VAL A 205 5.54 -13.24 -7.27
CA VAL A 205 4.87 -14.10 -6.30
C VAL A 205 4.63 -15.47 -6.98
N ALA A 206 5.31 -16.49 -6.48
CA ALA A 206 5.30 -17.82 -7.09
C ALA A 206 4.37 -18.74 -6.36
N ASN A 207 3.60 -19.52 -7.12
CA ASN A 207 2.77 -20.59 -6.60
C ASN A 207 3.68 -21.81 -6.42
N ILE A 208 3.81 -22.27 -5.18
CA ILE A 208 4.69 -23.42 -4.88
C ILE A 208 3.89 -24.68 -4.49
N GLY A 209 2.56 -24.58 -4.58
CA GLY A 209 1.67 -25.74 -4.44
C GLY A 209 0.77 -25.74 -3.24
N HIS A 210 0.72 -24.64 -2.47
CA HIS A 210 -0.30 -24.52 -1.42
C HIS A 210 -1.72 -24.62 -2.00
N PRO A 211 -2.65 -25.28 -1.30
CA PRO A 211 -4.03 -25.30 -1.77
C PRO A 211 -4.54 -23.87 -1.91
N VAL A 212 -5.26 -23.62 -2.99
CA VAL A 212 -5.72 -22.27 -3.29
C VAL A 212 -6.62 -21.71 -2.17
N HIS A 213 -7.43 -22.57 -1.57
CA HIS A 213 -8.26 -22.22 -0.42
C HIS A 213 -7.45 -21.61 0.72
N LEU A 214 -6.26 -22.12 1.02
CA LEU A 214 -5.46 -21.51 2.08
C LEU A 214 -4.88 -20.15 1.70
N ILE A 215 -4.44 -20.01 0.45
CA ILE A 215 -3.86 -18.79 -0.06
C ILE A 215 -4.86 -17.67 -0.02
N ASN A 216 -6.13 -17.98 -0.33
CA ASN A 216 -7.23 -17.00 -0.30
C ASN A 216 -7.74 -16.73 1.11
N SER A 217 -7.14 -17.40 2.10
CA SER A 217 -7.60 -17.25 3.46
C SER A 217 -6.91 -16.06 4.12
N ILE A 218 -5.94 -15.43 3.47
CA ILE A 218 -5.22 -14.29 4.06
C ILE A 218 -6.17 -13.07 4.10
N ASN A 219 -6.13 -12.34 5.20
CA ASN A 219 -7.05 -11.24 5.50
C ASN A 219 -6.53 -9.86 5.13
N ARG A 220 -5.30 -9.79 4.68
CA ARG A 220 -4.71 -8.54 4.30
C ARG A 220 -4.33 -8.66 2.84
N TYR A 221 -4.73 -7.68 2.04
CA TYR A 221 -4.59 -7.75 0.60
C TYR A 221 -3.95 -6.52 0.00
N VAL A 222 -3.36 -6.72 -1.16
CA VAL A 222 -2.84 -5.65 -1.96
C VAL A 222 -3.94 -5.34 -2.95
N ILE A 223 -4.26 -4.06 -3.07
CA ILE A 223 -5.31 -3.61 -3.96
C ILE A 223 -4.80 -3.74 -5.40
N THR A 224 -5.48 -4.59 -6.15
CA THR A 224 -5.12 -4.79 -7.55
C THR A 224 -6.10 -4.19 -8.53
N ARG A 225 -5.62 -4.13 -9.76
CA ARG A 225 -6.35 -3.58 -10.84
C ARG A 225 -7.67 -4.35 -10.99
N GLU A 226 -7.62 -5.66 -10.79
CA GLU A 226 -8.77 -6.48 -11.10
C GLU A 226 -9.78 -6.25 -9.99
N MET A 227 -9.27 -6.05 -8.79
CA MET A 227 -10.19 -5.79 -7.66
C MET A 227 -10.97 -4.46 -7.88
N VAL A 228 -10.23 -3.42 -8.26
CA VAL A 228 -10.80 -2.12 -8.51
C VAL A 228 -11.75 -2.17 -9.70
N ARG A 229 -11.37 -2.88 -10.77
CA ARG A 229 -12.28 -3.02 -11.90
C ARG A 229 -13.60 -3.67 -11.48
N SER A 230 -13.56 -4.71 -10.66
CA SER A 230 -14.85 -5.34 -10.26
C SER A 230 -15.72 -4.48 -9.32
N LEU A 231 -15.12 -3.46 -8.68
CA LEU A 231 -15.81 -2.55 -7.75
C LEU A 231 -16.35 -1.29 -8.41
N LEU A 232 -15.87 -0.95 -9.60
CA LEU A 232 -16.34 0.29 -10.24
C LEU A 232 -17.87 0.22 -10.45
N PRO A 233 -18.62 1.23 -10.00
CA PRO A 233 -20.07 1.12 -10.22
C PRO A 233 -20.48 1.18 -11.68
N GLU A 234 -21.66 0.65 -11.92
CA GLU A 234 -22.24 0.58 -13.23
C GLU A 234 -22.75 1.93 -13.68
N ARG A 235 -22.76 2.13 -14.98
CA ARG A 235 -23.30 3.33 -15.58
C ARG A 235 -24.50 2.91 -16.46
N PRO A 236 -25.66 2.65 -15.87
CA PRO A 236 -26.82 2.28 -16.69
C PRO A 236 -27.21 3.43 -17.62
N ARG A 237 -27.51 3.08 -18.85
CA ARG A 237 -27.78 4.10 -19.83
C ARG A 237 -28.98 4.95 -19.52
N ASP A 238 -30.04 4.36 -18.96
CA ASP A 238 -31.19 5.15 -18.58
C ASP A 238 -30.99 5.73 -17.17
N SER A 239 -30.24 6.78 -17.09
CA SER A 239 -29.84 7.31 -15.81
C SER A 239 -30.03 8.83 -15.87
N HIS A 240 -29.90 9.45 -14.71
CA HIS A 240 -29.92 10.92 -14.59
C HIS A 240 -28.98 11.27 -13.46
N LYS A 241 -28.77 12.54 -13.24
CA LYS A 241 -27.74 12.90 -12.29
C LYS A 241 -27.88 12.29 -10.87
N GLY A 242 -29.09 12.21 -10.36
CA GLY A 242 -29.38 11.62 -9.06
C GLY A 242 -29.04 10.17 -8.96
N THR A 243 -29.03 9.45 -10.08
CA THR A 243 -28.55 8.08 -10.14
C THR A 243 -27.14 7.99 -9.59
N TYR A 244 -26.34 9.04 -9.81
CA TYR A 244 -24.92 9.01 -9.50
C TYR A 244 -24.56 9.78 -8.24
N GLY A 245 -25.58 10.13 -7.47
CA GLY A 245 -25.39 10.68 -6.12
C GLY A 245 -25.05 12.17 -6.04
N LYS A 246 -25.14 12.66 -4.80
CA LYS A 246 -24.99 14.03 -4.44
C LYS A 246 -24.07 14.13 -3.23
N VAL A 247 -23.03 14.96 -3.36
CA VAL A 247 -22.05 15.18 -2.33
C VAL A 247 -22.11 16.63 -1.87
N LEU A 248 -21.99 16.83 -0.55
CA LEU A 248 -21.77 18.16 0.02
C LEU A 248 -20.33 18.14 0.52
N ILE A 249 -19.56 19.14 0.20
CA ILE A 249 -18.26 19.33 0.78
C ILE A 249 -18.20 20.60 1.61
N ILE A 250 -17.92 20.47 2.90
CA ILE A 250 -17.78 21.63 3.83
C ILE A 250 -16.30 21.85 3.98
N ALA A 251 -15.82 23.00 3.50
CA ALA A 251 -14.37 23.14 3.34
C ALA A 251 -14.02 24.59 3.14
N GLY A 252 -12.75 24.89 3.37
CA GLY A 252 -12.23 26.20 3.05
C GLY A 252 -12.36 27.21 4.16
N SER A 253 -11.76 28.35 3.91
CA SER A 253 -11.62 29.44 4.88
C SER A 253 -10.95 30.55 4.12
N ARG A 254 -10.82 31.69 4.78
CA ARG A 254 -10.18 32.83 4.17
C ARG A 254 -8.68 32.55 3.98
N LEU A 255 -8.08 31.72 4.83
CA LEU A 255 -6.67 31.32 4.65
C LEU A 255 -6.50 30.30 3.52
N TYR A 256 -7.47 29.43 3.38
CA TYR A 256 -7.34 28.24 2.51
C TYR A 256 -8.48 28.16 1.52
N SER A 257 -8.39 28.95 0.44
CA SER A 257 -9.48 29.06 -0.52
C SER A 257 -9.46 27.97 -1.59
N GLY A 258 -8.30 27.35 -1.78
CA GLY A 258 -8.12 26.37 -2.87
C GLY A 258 -8.69 25.01 -2.60
N ALA A 259 -8.59 24.54 -1.37
CA ALA A 259 -8.94 23.16 -1.05
C ALA A 259 -10.34 22.71 -1.52
N PRO A 260 -11.40 23.54 -1.34
CA PRO A 260 -12.78 23.12 -1.74
C PRO A 260 -12.91 22.72 -3.21
N VAL A 261 -12.22 23.48 -4.05
CA VAL A 261 -12.17 23.30 -5.48
C VAL A 261 -11.63 21.91 -5.84
N LEU A 262 -10.49 21.56 -5.27
CA LEU A 262 -9.84 20.32 -5.56
C LEU A 262 -10.69 19.16 -5.08
N SER A 263 -11.29 19.27 -3.88
CA SER A 263 -12.17 18.24 -3.40
C SER A 263 -13.44 18.06 -4.23
N GLY A 264 -14.07 19.17 -4.60
CA GLY A 264 -15.31 19.14 -5.40
C GLY A 264 -15.07 18.53 -6.76
N MET A 265 -14.02 18.97 -7.45
CA MET A 265 -13.69 18.36 -8.76
C MET A 265 -13.30 16.91 -8.64
N GLY A 266 -12.68 16.56 -7.53
CA GLY A 266 -12.38 15.15 -7.30
C GLY A 266 -13.66 14.31 -7.28
N SER A 267 -14.72 14.80 -6.65
CA SER A 267 -15.97 14.06 -6.71
C SER A 267 -16.51 14.01 -8.13
N LEU A 268 -16.46 15.12 -8.88
CA LEU A 268 -17.05 15.11 -10.21
C LEU A 268 -16.30 14.26 -11.20
N LYS A 269 -14.97 14.24 -11.13
CA LYS A 269 -14.15 13.47 -12.08
C LYS A 269 -14.32 11.96 -11.92
N VAL A 270 -14.75 11.45 -10.74
CA VAL A 270 -15.01 10.00 -10.56
C VAL A 270 -16.47 9.64 -10.91
N GLY A 271 -17.23 10.61 -11.43
CA GLY A 271 -18.57 10.31 -11.95
C GLY A 271 -19.78 10.65 -11.08
N THR A 272 -19.57 11.44 -10.04
CA THR A 272 -20.67 11.87 -9.15
C THR A 272 -21.63 12.80 -9.88
N GLY A 273 -22.90 12.67 -9.58
CA GLY A 273 -23.89 13.42 -10.28
C GLY A 273 -23.92 14.90 -9.92
N LEU A 274 -23.98 15.20 -8.64
CA LEU A 274 -24.04 16.58 -8.18
C LEU A 274 -23.08 16.79 -7.04
N VAL A 275 -22.34 17.89 -7.14
CA VAL A 275 -21.43 18.32 -6.10
C VAL A 275 -21.66 19.77 -5.68
N LYS A 276 -21.89 19.91 -4.37
CA LYS A 276 -22.16 21.14 -3.68
C LYS A 276 -21.06 21.43 -2.69
N LEU A 277 -20.46 22.61 -2.74
CA LEU A 277 -19.53 23.07 -1.75
C LEU A 277 -20.17 24.10 -0.83
N ALA A 278 -19.78 24.07 0.43
CA ALA A 278 -20.10 25.14 1.36
C ALA A 278 -18.78 25.71 1.85
N VAL A 279 -18.57 26.98 1.52
CA VAL A 279 -17.31 27.65 1.65
C VAL A 279 -17.60 29.07 2.11
N PRO A 280 -16.79 29.59 3.05
CA PRO A 280 -16.96 31.01 3.49
C PRO A 280 -16.86 32.00 2.33
N PHE A 281 -17.85 32.87 2.23
CA PHE A 281 -17.87 33.97 1.29
C PHE A 281 -16.77 34.94 1.58
N PRO A 282 -16.11 35.50 0.55
CA PRO A 282 -16.28 35.34 -0.87
C PRO A 282 -15.38 34.23 -1.46
N GLN A 283 -14.79 33.39 -0.60
CA GLN A 283 -13.84 32.35 -1.07
C GLN A 283 -14.57 31.28 -1.85
N ASN A 284 -15.89 31.19 -1.67
CA ASN A 284 -16.73 30.28 -2.44
C ASN A 284 -16.69 30.59 -3.96
N LEU A 285 -16.53 31.88 -4.31
CA LEU A 285 -16.53 32.30 -5.72
C LEU A 285 -15.32 31.82 -6.51
N ILE A 286 -14.27 31.51 -5.78
CA ILE A 286 -13.06 30.96 -6.33
C ILE A 286 -13.38 29.66 -7.06
N ALA A 287 -14.28 28.86 -6.51
CA ALA A 287 -14.52 27.50 -7.07
C ALA A 287 -15.19 27.52 -8.45
N THR A 288 -16.21 28.34 -8.60
CA THR A 288 -16.94 28.39 -9.84
C THR A 288 -16.23 29.24 -10.90
N SER A 289 -15.34 30.16 -10.50
CA SER A 289 -14.55 30.83 -11.48
C SER A 289 -13.62 29.82 -12.19
N ARG A 290 -13.20 28.81 -11.49
CA ARG A 290 -12.30 27.79 -12.09
C ARG A 290 -13.14 26.64 -12.78
N PHE A 291 -14.20 26.21 -12.11
CA PHE A 291 -15.04 25.11 -12.55
C PHE A 291 -16.52 25.41 -12.35
N PRO A 292 -17.16 26.00 -13.37
CA PRO A 292 -18.50 26.49 -13.22
C PRO A 292 -19.56 25.39 -13.14
N GLU A 293 -19.17 24.12 -13.24
CA GLU A 293 -20.09 23.02 -13.05
C GLU A 293 -20.25 22.68 -11.57
N LEU A 294 -19.43 23.27 -10.71
CA LEU A 294 -19.57 23.12 -9.26
C LEU A 294 -20.66 24.09 -8.75
N ILE A 295 -21.40 23.67 -7.75
CA ILE A 295 -22.23 24.58 -6.98
C ILE A 295 -21.38 24.96 -5.79
N SER A 296 -21.16 26.25 -5.60
CA SER A 296 -20.35 26.69 -4.46
C SER A 296 -21.15 27.68 -3.65
N VAL A 297 -21.68 27.22 -2.52
CA VAL A 297 -22.61 27.96 -1.72
C VAL A 297 -21.83 28.93 -0.81
N PRO A 298 -22.20 30.21 -0.81
CA PRO A 298 -21.50 31.13 0.04
C PRO A 298 -21.95 31.00 1.48
N ILE A 299 -21.04 30.82 2.42
CA ILE A 299 -21.43 30.77 3.85
C ILE A 299 -20.96 32.07 4.53
N ASP A 300 -21.86 32.73 5.26
CA ASP A 300 -21.54 34.00 5.88
C ASP A 300 -20.90 33.69 7.20
N THR A 301 -19.66 34.12 7.38
CA THR A 301 -18.89 33.82 8.58
C THR A 301 -18.51 35.11 9.22
N GLU A 302 -18.22 35.08 10.52
CA GLU A 302 -17.81 36.29 11.25
C GLU A 302 -16.42 36.74 10.83
N LYS A 303 -15.47 35.80 10.80
CA LYS A 303 -14.03 36.10 10.58
C LYS A 303 -13.39 35.25 9.46
N GLY A 304 -14.17 34.53 8.65
CA GLY A 304 -13.59 33.78 7.52
C GLY A 304 -13.44 32.29 7.77
N PHE A 305 -13.92 31.82 8.93
CA PHE A 305 -13.91 30.42 9.32
C PHE A 305 -15.30 29.94 9.74
N PHE A 306 -15.60 28.68 9.42
CA PHE A 306 -16.79 28.04 9.97
C PHE A 306 -16.78 28.12 11.50
N SER A 307 -17.96 28.32 12.09
CA SER A 307 -18.19 28.32 13.56
C SER A 307 -19.60 27.80 13.81
N LEU A 308 -19.98 27.61 15.09
CA LEU A 308 -21.34 27.20 15.42
C LEU A 308 -22.45 28.01 14.74
N GLN A 309 -22.19 29.29 14.46
CA GLN A 309 -23.20 30.11 13.76
C GLN A 309 -23.58 29.49 12.38
N ASN A 310 -22.74 28.61 11.86
CA ASN A 310 -23.06 28.01 10.58
C ASN A 310 -23.64 26.58 10.64
N LEU A 311 -23.80 26.05 11.84
CA LEU A 311 -24.25 24.68 12.04
C LEU A 311 -25.57 24.40 11.35
N GLN A 312 -26.56 25.26 11.59
CA GLN A 312 -27.89 25.00 11.10
C GLN A 312 -27.90 25.02 9.58
N GLU A 313 -27.27 26.02 8.97
CA GLU A 313 -27.25 26.08 7.50
C GLU A 313 -26.57 24.83 6.86
N CYS A 314 -25.54 24.31 7.52
CA CYS A 314 -24.82 23.12 6.99
C CYS A 314 -25.65 21.85 7.11
N LEU A 315 -26.40 21.72 8.21
CA LEU A 315 -27.27 20.56 8.40
C LEU A 315 -28.40 20.63 7.40
N GLU A 316 -28.88 21.82 7.12
CA GLU A 316 -29.94 21.98 6.12
C GLU A 316 -29.46 21.51 4.73
N LEU A 317 -28.27 21.96 4.38
CA LEU A 317 -27.65 21.65 3.12
C LEU A 317 -27.43 20.14 3.01
N SER A 318 -27.13 19.50 4.14
CA SER A 318 -26.93 18.05 4.23
C SER A 318 -28.12 17.18 3.90
N LYS A 319 -29.32 17.70 4.16
CA LYS A 319 -30.54 16.91 3.93
C LYS A 319 -30.71 16.42 2.50
N ASP A 320 -30.28 17.22 1.52
CA ASP A 320 -30.51 16.95 0.09
C ASP A 320 -29.31 16.26 -0.59
N VAL A 321 -28.37 15.72 0.19
CA VAL A 321 -27.23 15.00 -0.39
C VAL A 321 -27.15 13.59 0.23
N ASP A 322 -26.29 12.78 -0.37
CA ASP A 322 -26.03 11.41 0.05
C ASP A 322 -24.84 11.27 0.99
N VAL A 323 -23.82 12.10 0.82
CA VAL A 323 -22.60 12.01 1.59
C VAL A 323 -22.08 13.42 1.88
N VAL A 324 -21.39 13.58 3.00
CA VAL A 324 -20.72 14.85 3.32
C VAL A 324 -19.24 14.63 3.52
N ALA A 325 -18.40 15.37 2.80
CA ALA A 325 -16.94 15.46 3.10
C ALA A 325 -16.70 16.80 3.87
N ILE A 326 -15.88 16.78 4.89
CA ILE A 326 -15.63 17.95 5.71
C ILE A 326 -14.16 17.98 6.06
N GLY A 327 -13.52 19.17 6.07
CA GLY A 327 -12.15 19.31 6.59
C GLY A 327 -11.09 20.05 5.83
N PRO A 328 -10.97 19.78 4.52
CA PRO A 328 -9.88 20.42 3.78
C PRO A 328 -9.97 21.94 3.86
N GLY A 329 -8.88 22.53 4.30
CA GLY A 329 -8.77 23.96 4.47
C GLY A 329 -9.71 24.67 5.43
N LEU A 330 -10.31 23.98 6.40
CA LEU A 330 -11.21 24.65 7.38
C LEU A 330 -10.46 25.57 8.34
N GLY A 331 -9.20 25.22 8.58
CA GLY A 331 -8.40 25.83 9.59
C GLY A 331 -8.69 25.11 10.89
N ASN A 332 -7.94 25.46 11.90
CA ASN A 332 -7.98 24.74 13.14
C ASN A 332 -7.88 25.79 14.23
N ASN A 333 -9.02 26.15 14.77
CA ASN A 333 -9.16 27.06 15.89
C ASN A 333 -10.40 26.55 16.65
N GLU A 334 -10.61 27.08 17.84
CA GLU A 334 -11.65 26.56 18.72
C GLU A 334 -13.04 26.53 18.12
N HIS A 335 -13.40 27.56 17.38
CA HIS A 335 -14.74 27.66 16.82
C HIS A 335 -14.97 26.66 15.72
N VAL A 336 -13.93 26.37 14.92
CA VAL A 336 -13.96 25.28 13.94
C VAL A 336 -14.15 23.94 14.67
N ARG A 337 -13.40 23.71 15.73
CA ARG A 337 -13.53 22.46 16.52
C ARG A 337 -14.96 22.27 17.04
N GLU A 338 -15.55 23.33 17.62
CA GLU A 338 -16.94 23.27 18.12
C GLU A 338 -17.89 22.96 16.96
N PHE A 339 -17.76 23.69 15.87
CA PHE A 339 -18.60 23.44 14.73
C PHE A 339 -18.44 22.01 14.14
N VAL A 340 -17.22 21.55 13.93
CA VAL A 340 -16.98 20.25 13.28
C VAL A 340 -17.59 19.11 14.11
N ASN A 341 -17.40 19.20 15.43
CA ASN A 341 -17.84 18.16 16.36
C ASN A 341 -19.38 18.18 16.51
N GLU A 342 -19.99 19.33 16.75
CA GLU A 342 -21.45 19.41 16.79
C GLU A 342 -22.08 18.96 15.48
N PHE A 343 -21.51 19.38 14.36
CA PHE A 343 -22.01 18.94 13.07
C PHE A 343 -22.01 17.43 12.93
N LEU A 344 -20.84 16.82 13.14
CA LEU A 344 -20.70 15.38 12.95
C LEU A 344 -21.58 14.57 13.93
N LYS A 345 -21.73 15.08 15.13
CA LYS A 345 -22.64 14.47 16.12
C LYS A 345 -24.10 14.45 15.63
N THR A 346 -24.51 15.42 14.84
CA THR A 346 -25.90 15.50 14.39
C THR A 346 -26.15 14.91 13.00
N LEU A 347 -25.09 14.88 12.21
CA LEU A 347 -25.23 14.48 10.80
C LEU A 347 -25.53 13.02 10.71
N GLU A 348 -26.68 12.71 10.12
CA GLU A 348 -27.08 11.34 9.90
C GLU A 348 -26.92 10.95 8.42
N LYS A 349 -25.70 11.15 7.91
CA LYS A 349 -25.30 10.81 6.55
C LYS A 349 -23.87 10.27 6.69
N PRO A 350 -23.44 9.36 5.79
CA PRO A 350 -22.00 9.04 5.76
C PRO A 350 -21.14 10.29 5.71
N ALA A 351 -20.01 10.25 6.42
CA ALA A 351 -19.09 11.41 6.46
C ALA A 351 -17.72 10.98 6.00
N VAL A 352 -17.08 11.83 5.21
CA VAL A 352 -15.66 11.67 4.91
C VAL A 352 -14.90 12.78 5.62
N ILE A 353 -14.00 12.39 6.54
CA ILE A 353 -13.42 13.31 7.51
C ILE A 353 -11.94 13.41 7.25
N ASP A 354 -11.45 14.61 6.91
CA ASP A 354 -10.10 14.85 6.44
C ASP A 354 -9.47 16.09 7.10
N ALA A 355 -8.15 16.15 7.03
CA ALA A 355 -7.39 17.39 7.20
C ALA A 355 -7.75 18.05 8.52
N ASP A 356 -8.08 19.33 8.48
CA ASP A 356 -8.42 20.08 9.70
C ASP A 356 -9.63 19.53 10.47
N ALA A 357 -10.57 18.85 9.81
CA ALA A 357 -11.64 18.18 10.56
C ALA A 357 -11.12 17.01 11.42
N ILE A 358 -10.07 16.35 10.96
CA ILE A 358 -9.37 15.37 11.79
C ILE A 358 -8.60 16.07 12.93
N ASN A 359 -7.89 17.14 12.62
CA ASN A 359 -7.10 17.86 13.62
C ASN A 359 -7.95 18.34 14.80
N VAL A 360 -9.24 18.58 14.60
CA VAL A 360 -10.09 19.06 15.69
C VAL A 360 -11.04 18.00 16.22
N LEU A 361 -11.00 16.80 15.65
CA LEU A 361 -12.04 15.82 15.90
C LEU A 361 -11.98 15.34 17.33
N ASP A 362 -13.14 15.21 17.93
CA ASP A 362 -13.29 14.52 19.22
C ASP A 362 -13.73 13.09 18.89
N THR A 363 -12.90 12.11 19.20
CA THR A 363 -13.15 10.75 18.73
C THR A 363 -14.37 10.10 19.39
N SER A 364 -14.79 10.62 20.55
CA SER A 364 -16.09 10.21 21.15
C SER A 364 -17.23 10.39 20.15
N VAL A 365 -17.21 11.51 19.45
CA VAL A 365 -18.20 11.80 18.42
C VAL A 365 -18.30 10.66 17.43
N LEU A 366 -17.17 10.07 17.02
CA LEU A 366 -17.23 8.91 16.11
C LEU A 366 -17.90 7.71 16.68
N LYS A 367 -17.73 7.50 17.98
CA LYS A 367 -18.33 6.35 18.61
C LYS A 367 -19.84 6.52 18.68
N GLU A 368 -20.33 7.73 18.85
CA GLU A 368 -21.75 7.89 19.06
C GLU A 368 -22.54 7.97 17.74
N ARG A 369 -21.85 8.14 16.62
CA ARG A 369 -22.57 8.34 15.35
C ARG A 369 -23.23 7.03 14.90
N LYS A 370 -24.47 7.09 14.44
CA LYS A 370 -25.10 5.92 13.80
C LYS A 370 -24.58 5.74 12.34
N SER A 371 -24.46 6.82 11.58
CA SER A 371 -24.01 6.71 10.19
C SER A 371 -22.49 6.44 10.07
N PRO A 372 -22.06 5.94 8.90
CA PRO A 372 -20.65 5.59 8.78
C PRO A 372 -19.69 6.77 8.59
N ALA A 373 -18.40 6.47 8.62
CA ALA A 373 -17.37 7.45 8.37
C ALA A 373 -16.14 6.83 7.76
N VAL A 374 -15.49 7.62 6.89
CA VAL A 374 -14.13 7.37 6.49
C VAL A 374 -13.27 8.55 7.02
N LEU A 375 -12.15 8.22 7.66
CA LEU A 375 -11.11 9.19 8.02
C LEU A 375 -9.91 8.98 7.17
N THR A 376 -9.35 10.08 6.67
CA THR A 376 -8.22 10.08 5.73
C THR A 376 -6.99 10.86 6.22
N PRO A 377 -6.41 10.48 7.36
CA PRO A 377 -5.22 11.19 7.85
C PRO A 377 -3.95 10.80 7.10
N HIS A 378 -3.02 11.75 6.92
CA HIS A 378 -1.60 11.43 6.78
C HIS A 378 -1.01 11.10 8.18
N PRO A 379 0.20 10.54 8.24
CA PRO A 379 0.70 10.12 9.58
C PRO A 379 0.82 11.23 10.63
N GLY A 380 1.07 12.47 10.21
CA GLY A 380 1.11 13.57 11.18
C GLY A 380 -0.25 13.77 11.79
N GLU A 381 -1.29 13.71 10.95
CA GLU A 381 -2.65 13.85 11.45
C GLU A 381 -3.02 12.65 12.32
N MET A 382 -2.68 11.44 11.90
CA MET A 382 -2.95 10.24 12.74
C MET A 382 -2.25 10.32 14.08
N ALA A 383 -0.98 10.72 14.06
CA ALA A 383 -0.18 10.88 15.25
C ALA A 383 -0.90 11.80 16.25
N ARG A 384 -1.36 12.96 15.80
CA ARG A 384 -2.07 13.92 16.68
C ARG A 384 -3.41 13.35 17.09
N LEU A 385 -4.09 12.62 16.20
CA LEU A 385 -5.39 12.08 16.57
C LEU A 385 -5.27 11.07 17.72
N VAL A 386 -4.24 10.22 17.73
CA VAL A 386 -4.16 9.19 18.77
C VAL A 386 -3.09 9.58 19.82
N LYS A 387 -2.55 10.79 19.74
CA LYS A 387 -1.55 11.25 20.74
C LYS A 387 -0.32 10.34 20.79
N LYS A 388 0.17 9.93 19.62
CA LYS A 388 1.44 9.20 19.52
C LYS A 388 2.41 9.96 18.61
N THR A 389 3.61 9.46 18.47
CA THR A 389 4.56 10.07 17.58
C THR A 389 4.28 9.59 16.15
N VAL A 390 4.67 10.41 15.18
CA VAL A 390 4.65 10.01 13.76
C VAL A 390 5.27 8.62 13.52
N GLY A 391 6.44 8.37 14.11
CA GLY A 391 7.18 7.12 13.98
C GLY A 391 6.48 5.88 14.54
N ASP A 392 5.65 6.06 15.56
CA ASP A 392 4.87 4.96 16.06
C ASP A 392 3.65 4.65 15.19
N VAL A 393 3.08 5.60 14.47
CA VAL A 393 1.89 5.34 13.69
C VAL A 393 2.19 5.05 12.20
N LYS A 394 3.31 5.57 11.69
CA LYS A 394 3.66 5.43 10.31
C LYS A 394 3.72 3.94 9.91
N TYR A 395 2.97 3.52 8.90
CA TYR A 395 2.95 2.08 8.48
C TYR A 395 2.51 1.11 9.56
N ASN A 396 1.84 1.63 10.61
CA ASN A 396 1.46 0.80 11.72
C ASN A 396 0.05 0.21 11.45
N TYR A 397 0.00 -0.82 10.60
CA TYR A 397 -1.34 -1.32 10.21
C TYR A 397 -2.13 -1.88 11.38
N GLU A 398 -1.49 -2.51 12.36
CA GLU A 398 -2.25 -3.00 13.52
C GLU A 398 -2.88 -1.88 14.32
N LEU A 399 -2.20 -0.74 14.45
CA LEU A 399 -2.78 0.38 15.15
C LEU A 399 -3.94 0.89 14.33
N ALA A 400 -3.78 0.98 13.02
CA ALA A 400 -4.88 1.45 12.19
C ALA A 400 -6.14 0.53 12.31
N GLU A 401 -5.89 -0.77 12.31
CA GLU A 401 -6.98 -1.72 12.49
C GLU A 401 -7.70 -1.54 13.82
N GLU A 402 -6.93 -1.37 14.91
CA GLU A 402 -7.56 -1.19 16.23
C GLU A 402 -8.38 0.10 16.26
N PHE A 403 -7.83 1.16 15.68
CA PHE A 403 -8.53 2.44 15.64
C PHE A 403 -9.86 2.29 14.88
N ALA A 404 -9.81 1.65 13.71
CA ALA A 404 -11.01 1.56 12.89
C ALA A 404 -12.08 0.73 13.62
N LYS A 405 -11.69 -0.42 14.14
CA LYS A 405 -12.55 -1.25 14.93
C LYS A 405 -13.13 -0.53 16.18
N GLU A 406 -12.31 0.17 16.95
CA GLU A 406 -12.80 0.84 18.15
C GLU A 406 -13.80 1.96 17.84
N ASN A 407 -13.60 2.63 16.72
CA ASN A 407 -14.40 3.81 16.42
C ASN A 407 -15.40 3.53 15.29
N ASP A 408 -15.56 2.28 14.90
CA ASP A 408 -16.54 1.94 13.85
C ASP A 408 -16.40 2.70 12.55
N CYS A 409 -15.18 2.86 12.02
CA CYS A 409 -15.00 3.69 10.84
C CYS A 409 -14.07 2.98 9.89
N VAL A 410 -13.86 3.55 8.71
CA VAL A 410 -12.83 3.13 7.79
C VAL A 410 -11.73 4.15 7.97
N LEU A 411 -10.51 3.65 8.11
CA LEU A 411 -9.35 4.46 8.22
C LEU A 411 -8.49 4.30 6.99
N VAL A 412 -8.15 5.42 6.37
CA VAL A 412 -7.28 5.51 5.21
C VAL A 412 -6.07 6.27 5.67
N LEU A 413 -5.02 5.53 6.01
CA LEU A 413 -3.74 6.12 6.47
C LEU A 413 -2.81 6.28 5.32
N LYS A 414 -2.67 7.52 4.86
CA LYS A 414 -2.02 7.85 3.58
C LYS A 414 -0.47 7.79 3.71
N SER A 415 0.23 7.24 2.74
CA SER A 415 1.69 7.32 2.68
C SER A 415 2.00 6.64 1.34
N ALA A 416 3.28 6.46 0.96
CA ALA A 416 3.59 5.94 -0.38
C ALA A 416 2.92 4.60 -0.62
N THR A 417 2.81 3.84 0.46
CA THR A 417 1.88 2.74 0.55
C THR A 417 0.81 3.20 1.51
N THR A 418 -0.43 3.14 1.04
CA THR A 418 -1.57 3.56 1.83
C THR A 418 -2.27 2.35 2.41
N ILE A 419 -2.63 2.45 3.68
CA ILE A 419 -3.36 1.39 4.36
C ILE A 419 -4.84 1.78 4.49
N VAL A 420 -5.72 0.88 4.10
CA VAL A 420 -7.19 1.09 4.10
C VAL A 420 -7.77 -0.04 4.91
N THR A 421 -8.44 0.25 6.04
CA THR A 421 -8.95 -0.82 6.89
C THR A 421 -10.26 -0.41 7.57
N ASP A 422 -11.13 -1.38 7.78
CA ASP A 422 -12.29 -1.22 8.67
C ASP A 422 -12.13 -2.00 9.96
N GLY A 423 -10.92 -2.49 10.24
CA GLY A 423 -10.65 -3.26 11.47
C GLY A 423 -10.77 -4.77 11.23
N GLU A 424 -11.37 -5.19 10.13
CA GLU A 424 -11.51 -6.61 9.84
C GLU A 424 -10.74 -6.95 8.60
N LYS A 425 -10.95 -6.14 7.57
CA LYS A 425 -10.25 -6.29 6.33
C LYS A 425 -9.25 -5.11 6.21
N THR A 426 -8.03 -5.41 5.81
CA THR A 426 -7.01 -4.38 5.56
C THR A 426 -6.48 -4.53 4.16
N LEU A 427 -6.49 -3.42 3.40
CA LEU A 427 -5.95 -3.41 2.03
C LEU A 427 -4.77 -2.44 1.91
N PHE A 428 -3.80 -2.78 1.08
CA PHE A 428 -2.61 -1.96 0.96
C PHE A 428 -2.61 -1.43 -0.49
N ASN A 429 -2.42 -0.13 -0.63
CA ASN A 429 -2.32 0.45 -1.99
C ASN A 429 -0.88 0.74 -2.35
N ILE A 430 -0.44 0.29 -3.54
CA ILE A 430 0.92 0.52 -4.01
C ILE A 430 0.98 1.41 -5.28
N THR A 431 -0.13 1.98 -5.74
CA THR A 431 -0.04 2.85 -6.91
C THR A 431 0.35 4.26 -6.47
N GLY A 432 0.85 5.08 -7.39
CA GLY A 432 1.22 6.45 -7.05
C GLY A 432 2.69 6.72 -7.26
N ASN A 433 3.09 7.96 -7.07
CA ASN A 433 4.50 8.33 -7.12
C ASN A 433 4.69 9.61 -6.29
N THR A 434 5.91 10.18 -6.33
CA THR A 434 6.25 11.31 -5.45
C THR A 434 5.58 12.60 -5.92
N GLY A 435 4.99 12.61 -7.11
CA GLY A 435 4.27 13.81 -7.53
C GLY A 435 3.08 14.06 -6.62
N LEU A 436 2.63 13.05 -5.87
CA LEU A 436 1.53 13.20 -4.93
C LEU A 436 1.97 13.77 -3.60
N SER A 437 3.28 13.86 -3.37
CA SER A 437 3.86 14.51 -2.18
C SER A 437 3.93 16.05 -2.32
N LYS A 438 2.74 16.66 -2.41
CA LYS A 438 2.61 18.03 -2.79
C LYS A 438 1.21 18.45 -2.36
N GLY A 439 1.12 19.62 -1.77
CA GLY A 439 -0.16 20.20 -1.43
C GLY A 439 -1.24 20.02 -2.47
N GLY A 440 -2.39 19.58 -2.00
CA GLY A 440 -3.60 19.53 -2.81
C GLY A 440 -3.97 18.11 -3.16
N SER A 441 -3.00 17.19 -3.07
CA SER A 441 -3.21 15.78 -3.42
C SER A 441 -4.28 15.12 -2.57
N GLY A 442 -4.19 15.34 -1.26
CA GLY A 442 -5.15 14.82 -0.29
C GLY A 442 -6.55 15.34 -0.54
N ASP A 443 -6.64 16.60 -0.93
CA ASP A 443 -7.92 17.20 -1.12
C ASP A 443 -8.65 16.49 -2.25
N VAL A 444 -7.91 16.20 -3.32
CA VAL A 444 -8.49 15.45 -4.41
C VAL A 444 -9.02 14.09 -3.94
N LEU A 445 -8.20 13.34 -3.21
CA LEU A 445 -8.60 12.00 -2.80
C LEU A 445 -9.90 12.05 -1.96
N THR A 446 -10.00 13.04 -1.09
CA THR A 446 -11.22 13.21 -0.27
C THR A 446 -12.50 13.31 -1.09
N GLY A 447 -12.46 14.11 -2.16
CA GLY A 447 -13.55 14.22 -3.09
C GLY A 447 -13.89 12.88 -3.77
N MET A 448 -12.87 12.19 -4.23
CA MET A 448 -13.00 10.88 -4.87
C MET A 448 -13.75 9.88 -3.97
N ILE A 449 -13.29 9.75 -2.72
CA ILE A 449 -13.95 8.84 -1.76
C ILE A 449 -15.43 9.17 -1.58
N ALA A 450 -15.73 10.45 -1.33
CA ALA A 450 -17.12 10.90 -1.09
C ALA A 450 -17.93 10.60 -2.30
N GLY A 451 -17.33 10.83 -3.47
CA GLY A 451 -17.98 10.63 -4.74
C GLY A 451 -18.39 9.17 -4.93
N PHE A 452 -17.51 8.27 -4.59
CA PHE A 452 -17.80 6.88 -4.79
C PHE A 452 -18.80 6.38 -3.77
N ILE A 453 -18.77 6.93 -2.56
CA ILE A 453 -19.83 6.58 -1.60
C ILE A 453 -21.20 7.03 -2.09
N ALA A 454 -21.28 8.25 -2.60
CA ALA A 454 -22.49 8.74 -3.19
C ALA A 454 -23.01 7.84 -4.33
N GLN A 455 -22.12 7.23 -5.10
CA GLN A 455 -22.53 6.36 -6.22
C GLN A 455 -22.96 4.97 -5.75
N GLY A 456 -22.84 4.66 -4.47
CA GLY A 456 -23.38 3.39 -4.00
C GLY A 456 -22.32 2.47 -3.44
N LEU A 457 -21.03 2.83 -3.46
CA LEU A 457 -20.06 1.90 -2.87
C LEU A 457 -20.04 2.09 -1.35
N SER A 458 -19.76 1.01 -0.61
CA SER A 458 -19.52 1.10 0.82
C SER A 458 -18.37 2.04 1.10
N PRO A 459 -18.32 2.57 2.32
CA PRO A 459 -17.14 3.39 2.71
C PRO A 459 -15.79 2.67 2.43
N LEU A 460 -15.73 1.38 2.69
CA LEU A 460 -14.49 0.66 2.51
C LEU A 460 -14.24 0.47 1.01
N GLU A 461 -15.26 0.09 0.25
CA GLU A 461 -15.07 -0.08 -1.18
C GLU A 461 -14.68 1.22 -1.85
N ALA A 462 -15.37 2.28 -1.47
CA ALA A 462 -15.12 3.62 -2.00
C ALA A 462 -13.67 4.04 -1.76
N SER A 463 -13.14 3.69 -0.59
CA SER A 463 -11.81 4.09 -0.19
C SER A 463 -10.80 3.25 -1.02
N THR A 464 -11.12 1.98 -1.21
CA THR A 464 -10.23 1.08 -1.94
C THR A 464 -10.02 1.55 -3.37
N VAL A 465 -11.15 1.80 -4.02
CA VAL A 465 -11.18 2.21 -5.40
C VAL A 465 -10.50 3.58 -5.53
N SER A 466 -10.75 4.51 -4.60
CA SER A 466 -10.21 5.87 -4.74
C SER A 466 -8.68 5.92 -4.55
N VAL A 467 -8.15 5.23 -3.55
CA VAL A 467 -6.68 5.28 -3.36
C VAL A 467 -5.97 4.73 -4.56
N TYR A 468 -6.51 3.67 -5.18
CA TYR A 468 -5.85 3.08 -6.32
C TYR A 468 -5.87 4.01 -7.53
N LEU A 469 -7.05 4.48 -7.89
CA LEU A 469 -7.23 5.36 -9.04
C LEU A 469 -6.47 6.68 -8.90
N HIS A 470 -6.42 7.22 -7.68
CA HIS A 470 -5.67 8.47 -7.34
C HIS A 470 -4.18 8.30 -7.62
N GLY A 471 -3.59 7.18 -7.17
CA GLY A 471 -2.19 6.91 -7.45
C GLY A 471 -1.96 6.54 -8.89
N PHE A 472 -2.88 5.82 -9.48
CA PHE A 472 -2.74 5.44 -10.89
C PHE A 472 -2.82 6.69 -11.81
N ALA A 473 -3.73 7.60 -11.52
CA ALA A 473 -3.79 8.87 -12.26
C ALA A 473 -2.40 9.61 -12.22
N ALA A 474 -1.78 9.66 -11.04
CA ALA A 474 -0.45 10.27 -10.85
C ALA A 474 0.59 9.64 -11.80
N GLU A 475 0.55 8.30 -11.94
CA GLU A 475 1.48 7.59 -12.74
C GLU A 475 1.33 7.87 -14.23
N LEU A 476 0.17 8.38 -14.63
CA LEU A 476 -0.11 8.58 -16.03
C LEU A 476 0.33 9.98 -16.48
N PHE A 477 0.82 10.79 -15.55
CA PHE A 477 1.29 12.10 -15.89
C PHE A 477 2.42 11.90 -16.87
N GLU A 478 2.34 12.62 -17.96
CA GLU A 478 3.29 12.53 -19.06
C GLU A 478 4.75 13.00 -18.82
N GLN A 479 4.93 14.06 -18.08
CA GLN A 479 6.25 14.61 -17.81
C GLN A 479 6.88 14.13 -16.48
N ASP A 480 7.96 14.75 -16.03
CA ASP A 480 8.53 14.31 -14.75
C ASP A 480 7.54 14.44 -13.59
N GLU A 481 7.42 13.37 -12.81
CA GLU A 481 6.43 13.29 -11.72
C GLU A 481 6.57 14.40 -10.74
N ARG A 482 7.77 14.95 -10.57
CA ARG A 482 7.87 16.03 -9.59
C ARG A 482 7.12 17.29 -9.97
N GLY A 483 6.81 17.46 -11.26
CA GLY A 483 6.05 18.60 -11.71
C GLY A 483 4.56 18.45 -11.61
N LEU A 484 4.10 17.27 -11.23
CA LEU A 484 2.64 17.01 -11.10
C LEU A 484 2.04 17.89 -10.06
N THR A 485 0.89 18.45 -10.36
CA THR A 485 0.12 19.20 -9.40
C THR A 485 -1.27 18.59 -9.38
N ALA A 486 -2.03 18.96 -8.34
CA ALA A 486 -3.38 18.49 -8.11
C ALA A 486 -4.35 18.76 -9.25
N SER A 487 -4.24 19.95 -9.87
CA SER A 487 -5.02 20.31 -11.01
C SER A 487 -4.79 19.35 -12.17
N GLU A 488 -3.54 18.96 -12.40
CA GLU A 488 -3.24 18.05 -13.49
C GLU A 488 -3.66 16.62 -13.10
N LEU A 489 -3.52 16.28 -11.83
CA LEU A 489 -4.05 15.02 -11.35
C LEU A 489 -5.54 14.86 -11.68
N LEU A 490 -6.31 15.91 -11.47
CA LEU A 490 -7.74 15.87 -11.74
C LEU A 490 -8.04 15.54 -13.18
N ARG A 491 -7.25 16.11 -14.09
CA ARG A 491 -7.42 15.94 -15.54
C ARG A 491 -7.14 14.49 -15.91
N LEU A 492 -6.26 13.83 -15.16
CA LEU A 492 -5.86 12.46 -15.41
C LEU A 492 -6.80 11.36 -14.87
N ILE A 493 -7.66 11.69 -13.89
CA ILE A 493 -8.52 10.71 -13.28
C ILE A 493 -9.39 9.93 -14.37
N PRO A 494 -10.04 10.65 -15.32
CA PRO A 494 -10.85 9.88 -16.29
C PRO A 494 -10.04 8.91 -17.21
N GLU A 495 -8.76 9.20 -17.48
CA GLU A 495 -7.92 8.30 -18.20
C GLU A 495 -7.59 7.06 -17.33
N ALA A 496 -7.30 7.28 -16.06
CA ALA A 496 -7.10 6.20 -15.14
C ALA A 496 -8.32 5.25 -15.14
N ILE A 497 -9.51 5.82 -15.09
CA ILE A 497 -10.72 5.06 -15.09
C ILE A 497 -10.83 4.29 -16.41
N ARG A 498 -10.61 4.94 -17.55
CA ARG A 498 -10.67 4.22 -18.84
C ARG A 498 -9.65 3.09 -18.88
N ARG A 499 -8.42 3.33 -18.41
CA ARG A 499 -7.39 2.27 -18.46
C ARG A 499 -7.70 1.09 -17.54
N LEU A 500 -8.31 1.32 -16.40
CA LEU A 500 -8.79 0.25 -15.55
C LEU A 500 -9.68 -0.77 -16.33
N LYS A 501 -10.32 -0.32 -17.42
CA LYS A 501 -11.09 -1.19 -18.33
C LYS A 501 -10.50 -1.20 -19.74
N PRO B 1 -1.11 -16.03 -18.97
CA PRO B 1 -0.67 -17.21 -18.18
C PRO B 1 -0.01 -16.86 -16.78
N ALA B 2 -0.66 -17.29 -15.72
CA ALA B 2 -0.29 -16.89 -14.37
C ALA B 2 -0.47 -18.08 -13.43
N TRP B 3 -0.27 -19.31 -13.96
CA TRP B 3 -0.28 -20.49 -13.08
C TRP B 3 0.86 -20.38 -12.08
N LEU B 4 2.07 -20.03 -12.56
CA LEU B 4 3.25 -19.96 -11.70
C LEU B 4 3.41 -18.63 -10.97
N PHE B 5 3.38 -17.53 -11.73
CA PHE B 5 3.71 -16.20 -11.21
C PHE B 5 2.54 -15.28 -11.23
N GLU B 6 2.24 -14.69 -10.06
CA GLU B 6 1.43 -13.46 -9.95
C GLU B 6 2.41 -12.23 -9.90
N ALA B 7 2.10 -11.20 -10.67
CA ALA B 7 2.99 -10.01 -10.75
C ALA B 7 3.12 -9.34 -9.40
K K C . 16.59 -14.02 1.59
MG MG D . -4.28 16.56 3.52
PA NAP E . 14.99 -18.57 7.89
O1A NAP E . 14.36 -17.41 7.21
O2A NAP E . 15.83 -19.51 7.02
O5B NAP E . 15.94 -17.96 9.03
C5B NAP E . 16.41 -18.80 10.10
C4B NAP E . 17.94 -18.82 10.07
O4B NAP E . 18.50 -17.53 10.32
C3B NAP E . 18.57 -19.70 11.16
O3B NAP E . 19.84 -20.15 10.64
C2B NAP E . 18.76 -18.73 12.32
O2B NAP E . 19.76 -19.05 13.27
C1B NAP E . 19.19 -17.49 11.57
N9A NAP E . 18.88 -16.15 12.12
C8A NAP E . 17.64 -15.52 12.25
N7A NAP E . 17.85 -14.25 12.64
C5A NAP E . 19.20 -14.04 12.74
C6A NAP E . 19.98 -12.96 13.09
N6A NAP E . 19.40 -11.80 13.45
N1A NAP E . 21.34 -13.09 13.09
C2A NAP E . 21.96 -14.26 12.72
N3A NAP E . 21.17 -15.32 12.37
C4A NAP E . 19.84 -15.23 12.41
O3 NAP E . 13.86 -19.33 8.70
PN NAP E . 13.10 -20.72 8.62
O1N NAP E . 14.06 -21.88 8.63
O2N NAP E . 11.81 -20.55 9.28
O5D NAP E . 12.75 -20.63 7.04
C5D NAP E . 11.66 -19.93 6.44
C4D NAP E . 12.01 -19.75 4.96
O4D NAP E . 12.02 -21.03 4.29
C3D NAP E . 11.06 -18.84 4.14
O3D NAP E . 11.50 -17.51 4.04
C2D NAP E . 11.08 -19.55 2.78
O2D NAP E . 12.30 -19.20 2.18
C1D NAP E . 11.13 -21.03 3.19
N1N NAP E . 9.77 -21.48 3.58
P2B NAP E . 19.24 -19.81 14.60
O1X NAP E . 20.43 -20.54 15.16
O2X NAP E . 18.15 -20.81 14.28
O3X NAP E . 18.64 -18.82 15.52
PG ATP F . -3.80 18.77 1.06
O1G ATP F . -2.78 19.90 0.79
O2G ATP F . -4.81 19.11 2.15
O3G ATP F . -4.41 18.13 -0.19
PB ATP F . -1.51 17.18 1.00
O1B ATP F . -0.56 18.32 1.27
O2B ATP F . -1.90 16.82 -0.39
O3B ATP F . -2.88 17.61 1.74
PA ATP F . -1.89 14.54 2.18
O1A ATP F . -3.22 14.83 2.80
O2A ATP F . -0.74 13.80 2.86
O3A ATP F . -1.00 15.86 1.80
O5' ATP F . -2.34 13.65 0.88
C5' ATP F . -1.37 13.20 -0.09
C4' ATP F . -1.90 12.07 -0.99
O4' ATP F . -0.83 11.79 -1.87
C3' ATP F . -2.09 10.73 -0.25
O3' ATP F . -2.94 9.80 -0.90
C2' ATP F . -0.79 10.02 -0.27
O2' ATP F . -1.01 8.62 -0.20
C1' ATP F . -0.26 10.46 -1.62
N9 ATP F . 1.23 10.42 -1.65
C8 ATP F . 2.10 11.30 -1.11
N7 ATP F . 3.38 10.94 -1.36
C5 ATP F . 3.34 9.82 -2.09
C6 ATP F . 4.33 8.91 -2.68
N6 ATP F . 5.66 9.15 -2.55
N1 ATP F . 3.85 7.83 -3.36
C2 ATP F . 2.53 7.55 -3.52
N3 ATP F . 1.57 8.33 -2.98
C4 ATP F . 1.91 9.46 -2.27
PA NAP G . 1.44 18.39 9.32
O1A NAP G . 2.04 18.01 7.99
O2A NAP G . -0.06 18.42 9.25
O5B NAP G . 2.00 17.34 10.45
C5B NAP G . 3.12 17.62 11.28
C4B NAP G . 4.13 16.48 11.28
O4B NAP G . 3.68 15.43 10.43
C3B NAP G . 5.46 16.94 10.72
O3B NAP G . 6.51 16.47 11.55
C2B NAP G . 5.51 16.33 9.33
O2B NAP G . 6.83 16.13 8.84
C1B NAP G . 4.75 15.05 9.58
N9A NAP G . 4.23 14.31 8.42
C8A NAP G . 3.16 14.55 7.59
N7A NAP G . 3.06 13.51 6.70
C5A NAP G . 4.03 12.61 6.99
C6A NAP G . 4.41 11.38 6.46
N6A NAP G . 3.78 10.82 5.42
N1A NAP G . 5.48 10.71 7.01
C2A NAP G . 6.19 11.21 8.08
N3A NAP G . 5.81 12.44 8.61
C4A NAP G . 4.75 13.10 8.07
O3 NAP G . 2.04 19.84 9.73
PN NAP G . 1.86 20.90 10.96
O1N NAP G . 3.20 20.73 11.86
O2N NAP G . 1.87 22.26 10.37
O5D NAP G . 0.65 20.48 11.75
P2B NAP G . 7.58 17.40 8.14
O1X NAP G . 8.83 16.85 7.47
O2X NAP G . 7.95 18.40 9.20
O3X NAP G . 6.58 18.04 7.19
#